data_3ZIB
#
_entry.id   3ZIB
#
_cell.length_a   39.650
_cell.length_b   81.350
_cell.length_c   58.450
_cell.angle_alpha   90.00
_cell.angle_beta   91.54
_cell.angle_gamma   90.00
#
_symmetry.space_group_name_H-M   'P 1 21 1'
#
loop_
_entity.id
_entity.type
_entity.pdbx_description
1 polymer 'RAP2A SMA2265'
2 water water
#
_entity_poly.entity_id   1
_entity_poly.type   'polypeptide(L)'
_entity_poly.pdbx_seq_one_letter_code
;GHMKETYTPEEYLKNYALSVCIAEGYSAKEVKNDAAAAARGYTEFGDYSLEAHTAVRALAKEFLAKPYDSMSGEPMTMAK
CIDLVHSQELQAIIKKYQGKDDN
;
_entity_poly.pdbx_strand_id   A,B,C,D
#
# COMPACT_ATOMS: atom_id res chain seq x y z
N THR A 6 14.67 -19.17 -14.15
CA THR A 6 14.99 -17.77 -14.48
C THR A 6 14.09 -16.90 -13.64
N TYR A 7 14.47 -15.64 -13.55
CA TYR A 7 13.53 -14.60 -13.21
C TYR A 7 13.08 -13.88 -14.52
N THR A 8 11.87 -13.33 -14.50
CA THR A 8 11.49 -12.33 -15.49
C THR A 8 12.32 -11.02 -15.33
N PRO A 9 12.28 -10.14 -16.33
CA PRO A 9 12.97 -8.83 -16.24
C PRO A 9 12.47 -8.01 -15.05
N GLU A 10 11.16 -8.03 -14.83
CA GLU A 10 10.55 -7.27 -13.71
C GLU A 10 11.02 -7.85 -12.39
N GLU A 11 10.98 -9.17 -12.28
CA GLU A 11 11.48 -9.81 -11.04
C GLU A 11 12.97 -9.51 -10.81
N TYR A 12 13.79 -9.50 -11.88
CA TYR A 12 15.17 -9.14 -11.70
C TYR A 12 15.31 -7.71 -11.21
N LEU A 13 14.46 -6.80 -11.71
CA LEU A 13 14.65 -5.41 -11.32
C LEU A 13 14.18 -5.24 -9.84
N LYS A 14 13.15 -5.98 -9.46
CA LYS A 14 12.76 -6.06 -8.01
C LYS A 14 13.80 -6.68 -7.09
N ASN A 15 14.56 -7.66 -7.60
CA ASN A 15 15.64 -8.29 -6.81
C ASN A 15 16.72 -7.26 -6.69
N TYR A 16 16.93 -6.54 -7.79
CA TYR A 16 17.94 -5.47 -7.75
C TYR A 16 17.49 -4.42 -6.68
N ALA A 17 16.22 -4.01 -6.71
CA ALA A 17 15.72 -3.07 -5.74
C ALA A 17 16.03 -3.54 -4.32
N LEU A 18 15.69 -4.81 -4.03
CA LEU A 18 15.92 -5.24 -2.64
C LEU A 18 17.40 -5.20 -2.31
N SER A 19 18.20 -5.76 -3.18
CA SER A 19 19.66 -5.86 -2.98
C SER A 19 20.34 -4.52 -2.79
N VAL A 20 20.05 -3.55 -3.63
CA VAL A 20 20.62 -2.20 -3.44
C VAL A 20 20.10 -1.50 -2.19
N CYS A 21 18.81 -1.72 -1.88
CA CYS A 21 18.26 -1.15 -0.66
C CYS A 21 19.01 -1.66 0.58
N ILE A 22 19.20 -2.97 0.67
CA ILE A 22 19.95 -3.53 1.79
CA ILE A 22 19.99 -3.58 1.75
C ILE A 22 21.43 -3.08 1.83
N ALA A 23 22.07 -3.00 0.65
CA ALA A 23 23.47 -2.50 0.51
C ALA A 23 23.61 -1.02 0.96
N GLU A 24 22.64 -0.18 0.58
CA GLU A 24 22.56 1.22 1.03
C GLU A 24 22.16 1.38 2.51
N GLY A 25 21.36 0.46 3.05
CA GLY A 25 20.73 0.77 4.29
C GLY A 25 21.54 0.26 5.47
N TYR A 26 22.54 -0.58 5.27
CA TYR A 26 23.32 -1.03 6.42
C TYR A 26 24.74 -0.54 6.26
N SER A 27 25.43 -0.28 7.38
CA SER A 27 26.85 0.13 7.32
C SER A 27 27.86 -1.01 7.28
N ALA A 28 27.54 -2.16 7.87
CA ALA A 28 28.47 -3.28 7.91
C ALA A 28 29.03 -3.60 6.52
N LYS A 29 30.34 -3.49 6.34
CA LYS A 29 30.97 -3.78 5.07
C LYS A 29 30.64 -5.20 4.59
N GLU A 30 30.57 -6.17 5.50
CA GLU A 30 30.21 -7.55 5.17
C GLU A 30 28.94 -7.56 4.30
N VAL A 31 27.94 -6.82 4.74
CA VAL A 31 26.66 -6.84 4.08
C VAL A 31 26.63 -5.92 2.87
N LYS A 32 27.17 -4.71 2.99
CA LYS A 32 27.22 -3.82 1.82
C LYS A 32 27.86 -4.51 0.63
N ASN A 33 29.02 -5.14 0.84
CA ASN A 33 29.73 -5.82 -0.21
C ASN A 33 28.96 -6.98 -0.80
N ASP A 34 28.31 -7.77 0.05
CA ASP A 34 27.61 -8.98 -0.40
C ASP A 34 26.35 -8.60 -1.21
N ALA A 35 25.54 -7.73 -0.61
CA ALA A 35 24.28 -7.28 -1.30
C ALA A 35 24.61 -6.48 -2.57
N ALA A 36 25.64 -5.61 -2.53
CA ALA A 36 26.16 -4.96 -3.78
C ALA A 36 26.52 -5.96 -4.89
N ALA A 37 27.14 -7.09 -4.55
CA ALA A 37 27.51 -8.06 -5.58
C ALA A 37 26.25 -8.73 -6.16
N ALA A 38 25.28 -8.99 -5.32
CA ALA A 38 23.99 -9.49 -5.76
C ALA A 38 23.36 -8.44 -6.69
N ALA A 39 23.34 -7.17 -6.27
CA ALA A 39 22.70 -6.13 -7.11
C ALA A 39 23.38 -6.10 -8.49
N ARG A 40 24.70 -6.21 -8.52
CA ARG A 40 25.41 -6.18 -9.82
C ARG A 40 24.95 -7.35 -10.64
N GLY A 41 24.80 -8.52 -10.03
CA GLY A 41 24.33 -9.69 -10.77
C GLY A 41 22.90 -9.56 -11.36
N TYR A 42 21.97 -8.95 -10.61
CA TYR A 42 20.61 -8.70 -11.11
C TYR A 42 20.62 -7.66 -12.21
N THR A 43 21.58 -6.73 -12.19
CA THR A 43 21.66 -5.78 -13.28
C THR A 43 22.15 -6.48 -14.53
N GLU A 44 23.24 -7.25 -14.42
CA GLU A 44 23.79 -7.96 -15.60
CA GLU A 44 23.77 -7.93 -15.61
C GLU A 44 22.86 -9.02 -16.22
N PHE A 45 22.13 -9.79 -15.41
CA PHE A 45 21.15 -10.71 -15.97
C PHE A 45 19.79 -10.08 -16.27
N GLY A 46 19.62 -8.80 -15.92
CA GLY A 46 18.34 -8.17 -16.10
C GLY A 46 18.20 -7.65 -17.51
N ASP A 47 17.01 -7.12 -17.84
CA ASP A 47 16.74 -6.51 -19.17
C ASP A 47 16.47 -5.01 -19.08
N TYR A 48 16.15 -4.50 -17.90
CA TYR A 48 15.85 -3.05 -17.77
C TYR A 48 17.05 -2.14 -18.03
N SER A 49 16.83 -0.94 -18.57
CA SER A 49 17.97 -0.03 -18.85
C SER A 49 18.75 0.36 -17.61
N LEU A 50 19.97 0.87 -17.80
CA LEU A 50 20.70 1.41 -16.64
C LEU A 50 19.96 2.59 -16.03
N GLU A 51 19.22 3.33 -16.85
CA GLU A 51 18.46 4.46 -16.32
C GLU A 51 17.34 3.97 -15.36
N ALA A 52 16.63 2.93 -15.75
CA ALA A 52 15.52 2.32 -14.95
C ALA A 52 16.15 1.91 -13.62
N HIS A 53 17.35 1.32 -13.66
CA HIS A 53 18.14 0.92 -12.48
C HIS A 53 18.47 2.08 -11.60
N THR A 54 18.93 3.19 -12.18
CA THR A 54 19.26 4.34 -11.32
C THR A 54 18.02 4.91 -10.69
N ALA A 55 16.89 4.91 -11.37
CA ALA A 55 15.65 5.43 -10.77
C ALA A 55 15.21 4.49 -9.58
N VAL A 56 15.40 3.19 -9.74
CA VAL A 56 15.10 2.25 -8.64
C VAL A 56 16.02 2.51 -7.45
N ARG A 57 17.29 2.73 -7.71
CA ARG A 57 18.21 3.01 -6.63
C ARG A 57 17.84 4.30 -5.88
N ALA A 58 17.49 5.34 -6.63
CA ALA A 58 17.03 6.60 -6.05
C ALA A 58 15.77 6.36 -5.15
N LEU A 59 14.78 5.63 -5.66
CA LEU A 59 13.64 5.22 -4.87
C LEU A 59 14.01 4.45 -3.60
N ALA A 60 14.95 3.49 -3.69
CA ALA A 60 15.41 2.80 -2.49
C ALA A 60 15.94 3.78 -1.43
N LYS A 61 16.79 4.73 -1.86
CA LYS A 61 17.23 5.76 -0.90
C LYS A 61 16.08 6.57 -0.30
N GLU A 62 15.06 6.89 -1.10
CA GLU A 62 13.83 7.58 -0.59
CA GLU A 62 13.89 7.60 -0.56
C GLU A 62 13.17 6.75 0.51
N PHE A 63 13.03 5.44 0.30
CA PHE A 63 12.44 4.58 1.34
C PHE A 63 13.29 4.51 2.61
N LEU A 64 14.58 4.33 2.45
CA LEU A 64 15.49 4.26 3.58
C LEU A 64 15.48 5.56 4.37
N ALA A 65 15.24 6.66 3.68
CA ALA A 65 15.19 7.99 4.35
C ALA A 65 13.94 8.23 5.22
N LYS A 66 12.94 7.35 5.09
CA LYS A 66 11.67 7.44 5.84
CA LYS A 66 11.68 7.49 5.84
C LYS A 66 11.88 7.06 7.31
N PRO A 67 11.37 7.85 8.26
CA PRO A 67 11.54 7.39 9.63
C PRO A 67 10.42 6.42 10.15
N TYR A 68 10.70 5.13 10.17
CA TYR A 68 9.82 4.11 10.74
C TYR A 68 9.89 4.12 12.29
N ASP A 69 8.75 3.92 12.95
CA ASP A 69 8.72 3.63 14.40
C ASP A 69 9.06 2.17 14.67
N SER A 70 10.13 1.87 15.42
CA SER A 70 10.50 0.45 15.62
C SER A 70 9.84 -0.20 16.82
N SER A 72 11.46 -1.16 19.52
CA SER A 72 12.62 -2.08 19.48
C SER A 72 13.94 -1.32 19.44
N GLY A 73 13.93 -0.09 18.93
CA GLY A 73 15.16 0.71 18.85
C GLY A 73 15.99 0.42 17.62
N GLU A 74 15.60 -0.59 16.85
CA GLU A 74 16.28 -0.90 15.59
C GLU A 74 15.94 0.11 14.47
N PRO A 75 16.84 0.28 13.50
CA PRO A 75 16.56 1.24 12.39
C PRO A 75 15.43 0.82 11.40
N MET A 76 15.06 -0.48 11.47
CA MET A 76 14.05 -1.16 10.62
C MET A 76 14.26 -1.01 9.12
N THR A 77 15.52 -0.92 8.75
CA THR A 77 15.96 -1.09 7.37
C THR A 77 15.32 -2.29 6.65
N MET A 78 15.30 -3.45 7.31
CA MET A 78 14.80 -4.62 6.64
C MET A 78 13.38 -4.37 6.20
N ALA A 79 12.57 -3.82 7.10
CA ALA A 79 11.17 -3.55 6.78
C ALA A 79 11.04 -2.47 5.68
N LYS A 80 11.92 -1.44 5.71
CA LYS A 80 11.84 -0.40 4.67
C LYS A 80 12.08 -0.99 3.26
N CYS A 81 13.06 -1.89 3.16
CA CYS A 81 13.43 -2.49 1.87
C CYS A 81 12.32 -3.46 1.38
N ILE A 82 11.73 -4.20 2.31
CA ILE A 82 10.61 -5.07 1.97
C ILE A 82 9.42 -4.25 1.47
N ASP A 83 9.10 -3.13 2.17
CA ASP A 83 8.05 -2.25 1.69
C ASP A 83 8.36 -1.65 0.30
N LEU A 84 9.61 -1.26 0.09
CA LEU A 84 10.07 -0.75 -1.24
C LEU A 84 9.69 -1.78 -2.33
N VAL A 85 10.04 -3.05 -2.11
CA VAL A 85 9.83 -4.06 -3.15
C VAL A 85 8.34 -4.24 -3.44
N HIS A 86 7.52 -4.04 -2.41
CA HIS A 86 6.07 -4.16 -2.52
C HIS A 86 5.33 -2.92 -2.94
N SER A 87 6.06 -1.82 -3.16
CA SER A 87 5.44 -0.49 -3.18
C SER A 87 4.79 -0.17 -4.51
N GLN A 88 3.76 0.68 -4.48
CA GLN A 88 3.16 1.23 -5.73
C GLN A 88 4.17 2.06 -6.47
N GLU A 89 5.03 2.75 -5.71
CA GLU A 89 6.15 3.52 -6.32
C GLU A 89 7.09 2.68 -7.18
N LEU A 90 7.51 1.51 -6.73
CA LEU A 90 8.40 0.70 -7.58
C LEU A 90 7.62 0.17 -8.78
N GLN A 91 6.40 -0.22 -8.55
CA GLN A 91 5.55 -0.62 -9.69
C GLN A 91 5.43 0.48 -10.79
N ALA A 92 5.35 1.75 -10.36
CA ALA A 92 5.21 2.86 -11.29
C ALA A 92 6.47 2.95 -12.13
N ILE A 93 7.62 2.75 -11.48
CA ILE A 93 8.93 2.76 -12.23
C ILE A 93 8.98 1.62 -13.23
N ILE A 94 8.64 0.42 -12.79
CA ILE A 94 8.55 -0.74 -13.72
C ILE A 94 7.67 -0.39 -14.98
N LYS A 95 6.51 0.24 -14.74
CA LYS A 95 5.56 0.53 -15.83
C LYS A 95 5.96 1.76 -16.65
N LYS A 96 6.69 2.69 -16.05
CA LYS A 96 7.29 3.76 -16.83
C LYS A 96 8.25 3.14 -17.88
N TYR A 97 9.05 2.16 -17.48
CA TYR A 97 10.07 1.61 -18.42
C TYR A 97 9.65 0.37 -19.26
N GLN A 98 8.63 -0.40 -18.83
CA GLN A 98 8.41 -1.76 -19.32
C GLN A 98 8.29 -1.77 -20.84
N THR B 6 -1.61 -3.67 4.10
CA THR B 6 -0.64 -3.73 2.97
C THR B 6 -0.33 -5.19 2.56
N TYR B 7 -0.38 -6.17 3.49
CA TYR B 7 0.09 -7.55 3.17
C TYR B 7 -0.94 -8.67 3.48
N THR B 8 -1.10 -9.65 2.59
CA THR B 8 -1.88 -10.85 2.94
C THR B 8 -1.05 -11.71 3.87
N PRO B 9 -1.68 -12.71 4.54
CA PRO B 9 -0.87 -13.54 5.43
C PRO B 9 0.24 -14.36 4.70
N GLU B 10 0.06 -14.72 3.45
CA GLU B 10 1.14 -15.37 2.74
C GLU B 10 2.30 -14.39 2.50
N GLU B 11 1.98 -13.12 2.24
CA GLU B 11 3.05 -12.15 1.99
C GLU B 11 3.79 -11.90 3.28
N TYR B 12 3.09 -11.89 4.42
CA TYR B 12 3.83 -11.86 5.71
C TYR B 12 4.77 -13.02 5.95
N LEU B 13 4.34 -14.23 5.64
CA LEU B 13 5.20 -15.36 5.86
C LEU B 13 6.37 -15.24 4.92
N LYS B 14 6.16 -14.75 3.69
CA LYS B 14 7.33 -14.46 2.82
C LYS B 14 8.28 -13.39 3.36
N ASN B 15 7.74 -12.34 3.94
CA ASN B 15 8.57 -11.32 4.54
C ASN B 15 9.33 -11.92 5.71
N TYR B 16 8.65 -12.74 6.54
CA TYR B 16 9.34 -13.45 7.63
C TYR B 16 10.50 -14.25 7.10
N ALA B 17 10.26 -15.01 6.02
CA ALA B 17 11.30 -15.86 5.42
C ALA B 17 12.52 -15.08 5.04
N LEU B 18 12.32 -13.95 4.35
CA LEU B 18 13.48 -13.13 3.94
C LEU B 18 14.20 -12.52 5.11
N SER B 19 13.42 -11.99 6.07
CA SER B 19 14.03 -11.40 7.33
C SER B 19 14.85 -12.43 8.15
N VAL B 20 14.28 -13.62 8.37
CA VAL B 20 15.04 -14.60 9.13
C VAL B 20 16.25 -15.06 8.33
N CYS B 21 16.11 -15.15 7.00
CA CYS B 21 17.26 -15.56 6.19
C CYS B 21 18.42 -14.55 6.27
N ILE B 22 18.11 -13.27 6.10
CA ILE B 22 19.10 -12.22 6.29
CA ILE B 22 19.09 -12.21 6.29
C ILE B 22 19.66 -12.19 7.73
N ALA B 23 18.80 -12.36 8.72
CA ALA B 23 19.34 -12.40 10.14
C ALA B 23 20.31 -13.58 10.40
N GLU B 24 19.94 -14.76 9.88
CA GLU B 24 20.75 -15.94 9.98
C GLU B 24 21.98 -15.92 9.10
N GLY B 25 21.87 -15.29 7.94
CA GLY B 25 22.90 -15.37 6.96
C GLY B 25 24.08 -14.49 7.13
N TYR B 26 23.94 -13.37 7.84
CA TYR B 26 25.07 -12.47 8.01
C TYR B 26 25.63 -12.49 9.44
N SER B 27 26.93 -12.24 9.61
CA SER B 27 27.51 -12.17 10.98
C SER B 27 27.24 -10.87 11.71
N ALA B 28 27.28 -9.76 10.99
CA ALA B 28 27.23 -8.47 11.62
C ALA B 28 26.02 -8.27 12.58
N LYS B 29 26.29 -7.98 13.85
CA LYS B 29 25.24 -7.73 14.81
C LYS B 29 24.25 -6.64 14.36
N GLU B 30 24.71 -5.60 13.67
CA GLU B 30 23.81 -4.54 13.20
C GLU B 30 22.66 -5.18 12.39
N VAL B 31 23.06 -6.03 11.45
CA VAL B 31 22.08 -6.58 10.48
C VAL B 31 21.33 -7.69 11.15
N LYS B 32 22.04 -8.54 11.88
CA LYS B 32 21.35 -9.54 12.69
C LYS B 32 20.18 -9.03 13.56
N ASN B 33 20.45 -8.00 14.38
CA ASN B 33 19.44 -7.44 15.26
C ASN B 33 18.30 -6.80 14.49
N ASP B 34 18.65 -6.08 13.43
CA ASP B 34 17.61 -5.37 12.68
C ASP B 34 16.68 -6.36 11.92
N ALA B 35 17.29 -7.31 11.23
CA ALA B 35 16.53 -8.32 10.48
C ALA B 35 15.73 -9.25 11.40
N ALA B 36 16.27 -9.59 12.58
CA ALA B 36 15.52 -10.37 13.58
C ALA B 36 14.33 -9.62 14.10
N ALA B 37 14.52 -8.30 14.35
CA ALA B 37 13.40 -7.47 14.82
C ALA B 37 12.33 -7.44 13.73
N ALA B 38 12.76 -7.30 12.46
CA ALA B 38 11.75 -7.30 11.40
C ALA B 38 10.98 -8.66 11.40
N ALA B 39 11.72 -9.77 11.48
CA ALA B 39 11.09 -11.13 11.45
C ALA B 39 10.02 -11.23 12.59
N ARG B 40 10.36 -10.79 13.81
CA ARG B 40 9.33 -10.76 14.85
C ARG B 40 8.09 -9.97 14.44
N GLY B 41 8.26 -8.81 13.81
CA GLY B 41 7.10 -8.05 13.41
C GLY B 41 6.23 -8.82 12.42
N TYR B 42 6.85 -9.57 11.49
CA TYR B 42 6.09 -10.34 10.54
C TYR B 42 5.50 -11.66 11.07
N THR B 43 5.87 -12.04 12.28
CA THR B 43 5.37 -13.27 12.91
C THR B 43 3.93 -13.10 13.40
N GLU B 44 2.99 -13.77 12.71
CA GLU B 44 1.57 -13.83 13.11
CA GLU B 44 1.56 -13.83 13.11
C GLU B 44 1.08 -15.29 13.02
N PHE B 45 0.11 -15.66 13.84
CA PHE B 45 -0.43 -17.03 13.77
C PHE B 45 -1.95 -17.16 13.46
N GLY B 46 -2.52 -16.20 12.71
CA GLY B 46 -3.94 -16.19 12.34
C GLY B 46 -4.19 -16.99 11.09
N ASP B 47 -3.12 -17.31 10.35
CA ASP B 47 -3.20 -18.13 9.13
C ASP B 47 -2.03 -19.11 9.04
N TYR B 48 -0.91 -18.78 9.71
CA TYR B 48 0.31 -19.65 9.76
C TYR B 48 0.81 -20.00 11.15
N SER B 49 0.68 -21.28 11.45
CA SER B 49 1.04 -21.78 12.75
C SER B 49 2.49 -21.52 13.14
N LEU B 50 2.76 -21.63 14.43
CA LEU B 50 4.12 -21.68 14.98
C LEU B 50 5.04 -22.62 14.20
N GLU B 51 4.53 -23.82 13.91
CA GLU B 51 5.28 -24.86 13.17
C GLU B 51 5.56 -24.46 11.69
N ALA B 52 4.61 -23.78 11.07
CA ALA B 52 4.84 -23.20 9.74
C ALA B 52 6.07 -22.32 9.78
N HIS B 53 6.16 -21.43 10.77
CA HIS B 53 7.36 -20.59 10.96
C HIS B 53 8.66 -21.33 11.17
N THR B 54 8.65 -22.41 11.94
CA THR B 54 9.89 -23.07 12.26
C THR B 54 10.30 -23.84 11.00
N ALA B 55 9.35 -24.31 10.19
CA ALA B 55 9.69 -24.93 8.89
C ALA B 55 10.33 -23.86 7.93
N VAL B 56 9.80 -22.64 8.00
CA VAL B 56 10.36 -21.55 7.17
C VAL B 56 11.79 -21.29 7.61
N ARG B 57 12.04 -21.25 8.90
CA ARG B 57 13.40 -21.03 9.33
C ARG B 57 14.38 -22.16 8.96
N ALA B 58 13.89 -23.40 9.07
CA ALA B 58 14.69 -24.54 8.62
C ALA B 58 15.06 -24.41 7.16
N LEU B 59 14.09 -24.10 6.35
CA LEU B 59 14.30 -23.94 4.86
C LEU B 59 15.31 -22.81 4.56
N ALA B 60 15.21 -21.67 5.26
CA ALA B 60 16.19 -20.59 5.10
C ALA B 60 17.58 -21.09 5.33
N LYS B 61 17.77 -21.85 6.43
CA LYS B 61 19.12 -22.32 6.78
C LYS B 61 19.65 -23.29 5.68
N GLU B 62 18.75 -24.08 5.10
CA GLU B 62 19.12 -24.95 3.93
C GLU B 62 19.58 -24.13 2.73
N PHE B 63 18.88 -23.04 2.47
CA PHE B 63 19.29 -22.19 1.35
C PHE B 63 20.64 -21.57 1.62
N LEU B 64 20.85 -21.08 2.87
CA LEU B 64 22.12 -20.50 3.21
C LEU B 64 23.29 -21.53 3.11
N ALA B 65 22.97 -22.83 3.29
CA ALA B 65 23.97 -23.93 3.28
C ALA B 65 24.53 -24.23 1.87
N LYS B 66 23.72 -23.94 0.85
CA LYS B 66 24.09 -24.15 -0.57
C LYS B 66 25.29 -23.28 -0.97
N PRO B 67 26.24 -23.86 -1.72
CA PRO B 67 27.32 -23.01 -2.24
C PRO B 67 26.84 -22.22 -3.49
N TYR B 68 27.15 -20.93 -3.60
CA TYR B 68 26.78 -20.15 -4.80
C TYR B 68 28.06 -19.70 -5.45
N ASP B 69 28.13 -19.73 -6.79
CA ASP B 69 29.33 -19.23 -7.48
C ASP B 69 29.30 -17.71 -7.42
N SER B 70 30.49 -17.10 -7.39
CA SER B 70 30.56 -15.65 -7.50
C SER B 70 31.90 -15.18 -7.99
N MET B 71 31.84 -14.45 -9.10
CA MET B 71 32.96 -13.72 -9.63
C MET B 71 33.55 -12.69 -8.65
N SER B 72 32.70 -12.18 -7.74
CA SER B 72 33.13 -11.20 -6.72
C SER B 72 33.86 -11.87 -5.54
N GLY B 73 33.71 -13.18 -5.36
CA GLY B 73 34.22 -13.85 -4.14
C GLY B 73 33.44 -13.54 -2.87
N GLU B 74 32.23 -13.00 -3.01
CA GLU B 74 31.34 -12.78 -1.85
C GLU B 74 30.53 -14.06 -1.70
N PRO B 75 30.00 -14.36 -0.50
CA PRO B 75 29.25 -15.61 -0.37
C PRO B 75 27.90 -15.63 -1.11
N MET B 76 27.35 -14.47 -1.45
CA MET B 76 26.02 -14.37 -2.17
C MET B 76 24.84 -14.74 -1.27
N THR B 77 24.99 -14.43 0.01
CA THR B 77 23.91 -14.54 0.98
C THR B 77 22.60 -13.88 0.49
N MET B 78 22.76 -12.66 0.00
CA MET B 78 21.61 -11.88 -0.45
C MET B 78 20.91 -12.69 -1.56
N ALA B 79 21.68 -13.26 -2.49
CA ALA B 79 21.05 -14.02 -3.57
C ALA B 79 20.38 -15.27 -3.04
N LYS B 80 20.99 -15.90 -2.02
CA LYS B 80 20.37 -17.10 -1.48
C LYS B 80 19.01 -16.81 -0.88
N CYS B 81 18.95 -15.71 -0.13
CA CYS B 81 17.70 -15.38 0.51
C CYS B 81 16.64 -14.96 -0.50
N ILE B 82 17.06 -14.26 -1.56
CA ILE B 82 16.09 -13.94 -2.59
C ILE B 82 15.51 -15.22 -3.25
N ASP B 83 16.40 -16.17 -3.50
CA ASP B 83 16.00 -17.45 -4.10
C ASP B 83 15.03 -18.20 -3.16
N LEU B 84 15.31 -18.13 -1.85
CA LEU B 84 14.41 -18.73 -0.84
C LEU B 84 12.98 -18.24 -1.03
N VAL B 85 12.83 -16.91 -1.05
CA VAL B 85 11.52 -16.31 -1.13
C VAL B 85 10.81 -16.70 -2.41
N HIS B 86 11.54 -16.91 -3.48
CA HIS B 86 10.85 -17.32 -4.73
C HIS B 86 10.79 -18.85 -4.94
N SER B 87 11.15 -19.63 -3.92
CA SER B 87 11.34 -21.11 -4.11
C SER B 87 10.01 -21.88 -4.06
N GLN B 88 10.04 -23.03 -4.75
CA GLN B 88 8.94 -23.97 -4.69
C GLN B 88 8.87 -24.52 -3.30
N GLU B 89 9.99 -24.65 -2.63
CA GLU B 89 9.93 -25.22 -1.29
C GLU B 89 9.17 -24.30 -0.36
N LEU B 90 9.33 -23.00 -0.51
CA LEU B 90 8.58 -22.08 0.34
C LEU B 90 7.10 -22.09 -0.01
N GLN B 91 6.79 -22.21 -1.29
CA GLN B 91 5.44 -22.31 -1.72
C GLN B 91 4.75 -23.55 -1.07
N ALA B 92 5.54 -24.61 -0.85
CA ALA B 92 4.98 -25.89 -0.38
C ALA B 92 4.62 -25.73 1.02
N ILE B 93 5.48 -25.03 1.77
CA ILE B 93 5.14 -24.63 3.13
C ILE B 93 3.89 -23.81 3.22
N ILE B 94 3.79 -22.76 2.43
CA ILE B 94 2.56 -21.98 2.36
C ILE B 94 1.30 -22.83 2.07
N LYS B 95 1.40 -23.75 1.10
CA LYS B 95 0.26 -24.66 0.72
C LYS B 95 -0.08 -25.58 1.87
N LYS B 96 0.95 -26.23 2.41
CA LYS B 96 0.76 -27.21 3.49
C LYS B 96 0.07 -26.60 4.69
N TYR B 97 0.52 -25.42 5.12
CA TYR B 97 0.03 -24.82 6.36
C TYR B 97 -1.12 -23.87 6.17
N GLN B 98 -1.52 -23.67 4.92
CA GLN B 98 -2.73 -22.89 4.52
C GLN B 98 -3.95 -23.15 5.43
N THR C 6 -17.93 -7.69 2.19
CA THR C 6 -17.25 -7.75 3.50
C THR C 6 -16.10 -6.75 3.48
N TYR C 7 -16.23 -5.69 4.26
CA TYR C 7 -15.06 -4.89 4.58
C TYR C 7 -14.49 -5.40 5.93
N THR C 8 -13.18 -5.25 6.15
CA THR C 8 -12.63 -5.42 7.52
C THR C 8 -13.16 -4.32 8.49
N PRO C 9 -13.01 -4.55 9.81
CA PRO C 9 -13.38 -3.49 10.75
C PRO C 9 -12.62 -2.15 10.47
N GLU C 10 -11.34 -2.25 10.16
CA GLU C 10 -10.47 -1.12 9.82
C GLU C 10 -10.97 -0.41 8.57
N GLU C 11 -11.30 -1.15 7.52
CA GLU C 11 -11.92 -0.56 6.32
C GLU C 11 -13.26 0.09 6.57
N TYR C 12 -14.13 -0.57 7.37
CA TYR C 12 -15.36 0.06 7.85
C TYR C 12 -15.12 1.44 8.47
N LEU C 13 -14.14 1.54 9.35
CA LEU C 13 -13.86 2.78 10.07
C LEU C 13 -13.35 3.83 9.07
N LYS C 14 -12.51 3.42 8.11
CA LYS C 14 -12.12 4.36 7.04
C LYS C 14 -13.28 4.79 6.17
N ASN C 15 -14.15 3.85 5.81
CA ASN C 15 -15.35 4.20 5.10
C ASN C 15 -16.18 5.24 5.90
N TYR C 16 -16.25 5.00 7.20
CA TYR C 16 -17.00 5.91 8.11
C TYR C 16 -16.33 7.28 8.07
N ALA C 17 -15.00 7.29 8.16
CA ALA C 17 -14.23 8.54 8.10
C ALA C 17 -14.53 9.34 6.85
N LEU C 18 -14.51 8.67 5.68
CA LEU C 18 -14.74 9.40 4.47
C LEU C 18 -16.18 9.94 4.41
N SER C 19 -17.12 9.08 4.75
CA SER C 19 -18.58 9.44 4.65
C SER C 19 -18.94 10.55 5.60
N VAL C 20 -18.47 10.46 6.85
CA VAL C 20 -18.72 11.56 7.79
C VAL C 20 -18.07 12.91 7.35
N CYS C 21 -16.84 12.83 6.85
CA CYS C 21 -16.14 13.98 6.35
C CYS C 21 -16.91 14.63 5.23
N ILE C 22 -17.42 13.81 4.28
CA ILE C 22 -18.25 14.42 3.22
C ILE C 22 -19.60 14.98 3.78
N ALA C 23 -20.25 14.26 4.70
CA ALA C 23 -21.54 14.75 5.22
C ALA C 23 -21.34 16.10 5.98
N GLU C 24 -20.26 16.20 6.74
CA GLU C 24 -19.93 17.44 7.46
C GLU C 24 -19.39 18.50 6.57
N GLY C 25 -18.77 18.14 5.45
CA GLY C 25 -17.97 19.09 4.73
C GLY C 25 -18.81 19.83 3.72
N TYR C 26 -20.05 19.41 3.50
CA TYR C 26 -20.89 20.12 2.51
C TYR C 26 -22.18 20.63 3.16
N SER C 27 -22.69 21.76 2.64
CA SER C 27 -23.91 22.41 3.15
C SER C 27 -25.15 21.77 2.61
N ALA C 28 -25.09 21.38 1.34
CA ALA C 28 -26.28 20.84 0.65
C ALA C 28 -26.89 19.60 1.31
N LYS C 29 -28.17 19.69 1.64
CA LYS C 29 -28.85 18.64 2.39
C LYS C 29 -28.96 17.32 1.65
N GLU C 30 -28.98 17.35 0.31
CA GLU C 30 -28.97 16.09 -0.50
C GLU C 30 -27.75 15.26 -0.07
N VAL C 31 -26.62 15.96 -0.02
CA VAL C 31 -25.34 15.28 0.21
C VAL C 31 -25.12 14.95 1.65
N LYS C 32 -25.36 15.93 2.55
CA LYS C 32 -25.37 15.63 3.99
C LYS C 32 -26.17 14.43 4.36
N ASN C 33 -27.43 14.34 3.93
CA ASN C 33 -28.29 13.24 4.31
C ASN C 33 -27.87 11.88 3.73
N ASP C 34 -27.34 11.90 2.53
CA ASP C 34 -26.98 10.65 1.87
C ASP C 34 -25.68 10.11 2.48
N ALA C 35 -24.70 11.00 2.54
CA ALA C 35 -23.39 10.66 3.19
C ALA C 35 -23.54 10.29 4.68
N ALA C 36 -24.40 10.99 5.43
CA ALA C 36 -24.69 10.52 6.84
C ALA C 36 -25.37 9.17 6.96
N ALA C 37 -26.28 8.82 6.04
CA ALA C 37 -26.87 7.49 6.01
C ALA C 37 -25.80 6.42 5.81
N ALA C 38 -24.87 6.70 4.90
CA ALA C 38 -23.79 5.78 4.65
C ALA C 38 -22.91 5.65 5.93
N ALA C 39 -22.53 6.79 6.51
CA ALA C 39 -21.73 6.77 7.78
C ALA C 39 -22.41 5.97 8.88
N ARG C 40 -23.73 6.16 9.02
CA ARG C 40 -24.45 5.37 10.03
C ARG C 40 -24.34 3.94 9.70
N GLY C 41 -24.48 3.62 8.43
CA GLY C 41 -24.28 2.24 7.98
C GLY C 41 -22.94 1.62 8.35
N TYR C 42 -21.85 2.35 8.07
CA TYR C 42 -20.52 1.81 8.32
C TYR C 42 -20.26 1.74 9.83
N THR C 43 -20.93 2.60 10.62
CA THR C 43 -20.81 2.58 12.10
C THR C 43 -21.61 1.42 12.57
N GLU C 44 -22.91 1.51 12.34
CA GLU C 44 -23.83 0.46 12.73
C GLU C 44 -23.29 -0.95 12.34
N PHE C 45 -22.51 -1.06 11.26
CA PHE C 45 -21.93 -2.34 10.79
C PHE C 45 -20.45 -2.63 11.07
N GLY C 46 -19.68 -1.61 11.46
CA GLY C 46 -18.29 -1.83 11.82
C GLY C 46 -18.22 -2.47 13.19
N ASP C 47 -17.01 -2.59 13.73
CA ASP C 47 -16.76 -3.16 15.09
C ASP C 47 -15.94 -2.27 16.02
N TYR C 48 -15.48 -1.12 15.57
CA TYR C 48 -14.73 -0.21 16.46
C TYR C 48 -15.64 0.46 17.48
N SER C 49 -15.06 0.88 18.60
CA SER C 49 -15.87 1.47 19.69
C SER C 49 -16.51 2.80 19.35
N LEU C 50 -17.49 3.22 20.18
CA LEU C 50 -18.03 4.55 20.13
CA LEU C 50 -18.04 4.54 20.10
C LEU C 50 -16.95 5.59 20.17
N GLU C 51 -16.01 5.42 21.10
CA GLU C 51 -15.04 6.45 21.28
C GLU C 51 -14.18 6.55 20.03
N ALA C 52 -13.94 5.40 19.38
CA ALA C 52 -13.07 5.40 18.15
C ALA C 52 -13.77 6.17 17.06
N HIS C 53 -15.07 5.95 16.91
CA HIS C 53 -15.80 6.70 15.90
C HIS C 53 -15.85 8.18 16.22
N THR C 54 -16.03 8.55 17.51
CA THR C 54 -15.96 9.94 17.87
C THR C 54 -14.64 10.60 17.57
N ALA C 55 -13.56 9.87 17.78
CA ALA C 55 -12.21 10.38 17.47
C ALA C 55 -12.10 10.57 15.99
N VAL C 56 -12.60 9.62 15.20
CA VAL C 56 -12.58 9.80 13.74
C VAL C 56 -13.36 11.02 13.30
N ARG C 57 -14.57 11.24 13.84
CA ARG C 57 -15.37 12.36 13.43
C ARG C 57 -14.67 13.67 13.80
N ALA C 58 -14.06 13.70 14.96
CA ALA C 58 -13.35 14.88 15.38
C ALA C 58 -12.15 15.12 14.46
N LEU C 59 -11.46 14.05 14.07
CA LEU C 59 -10.37 14.24 13.08
C LEU C 59 -10.86 14.78 11.71
N ALA C 60 -11.98 14.27 11.21
CA ALA C 60 -12.59 14.79 9.98
C ALA C 60 -12.88 16.29 10.06
N LYS C 61 -13.46 16.68 11.21
CA LYS C 61 -13.80 18.09 11.42
C LYS C 61 -12.51 18.92 11.41
N GLU C 62 -11.46 18.40 12.03
CA GLU C 62 -10.15 19.09 11.99
C GLU C 62 -9.56 19.20 10.55
N PHE C 63 -9.68 18.15 9.72
CA PHE C 63 -9.23 18.27 8.33
C PHE C 63 -10.04 19.32 7.57
N LEU C 64 -11.35 19.33 7.80
CA LEU C 64 -12.28 20.18 7.06
C LEU C 64 -12.03 21.63 7.42
N ALA C 65 -11.61 21.83 8.67
CA ALA C 65 -11.28 23.16 9.22
C ALA C 65 -9.94 23.71 8.77
N LYS C 66 -9.12 22.90 8.07
CA LYS C 66 -7.85 23.36 7.49
C LYS C 66 -7.97 24.21 6.22
N PRO C 67 -7.20 25.27 6.17
CA PRO C 67 -7.25 26.14 5.02
C PRO C 67 -6.42 25.65 3.82
N TYR C 68 -7.07 25.03 2.83
CA TYR C 68 -6.39 24.54 1.62
C TYR C 68 -6.29 25.60 0.54
N ASP C 69 -5.22 25.57 -0.25
CA ASP C 69 -5.11 26.43 -1.46
C ASP C 69 -6.09 25.97 -2.55
N SER C 70 -6.25 26.81 -3.58
CA SER C 70 -7.03 26.48 -4.78
C SER C 70 -6.70 27.44 -5.92
N SER C 72 -9.04 27.59 -7.68
CA SER C 72 -10.26 27.41 -8.45
C SER C 72 -11.50 28.03 -7.79
N GLY C 73 -11.34 28.57 -6.58
CA GLY C 73 -12.47 29.10 -5.80
C GLY C 73 -13.31 28.09 -5.00
N GLU C 74 -12.97 26.80 -5.06
CA GLU C 74 -13.82 25.76 -4.47
C GLU C 74 -13.56 25.48 -2.97
N PRO C 75 -14.58 24.97 -2.21
CA PRO C 75 -14.38 24.68 -0.79
C PRO C 75 -13.25 23.69 -0.52
N MET C 76 -12.95 22.82 -1.52
CA MET C 76 -11.84 21.84 -1.46
C MET C 76 -12.19 20.70 -0.55
N THR C 77 -13.48 20.51 -0.24
CA THR C 77 -13.88 19.49 0.69
C THR C 77 -13.47 18.10 0.18
N MET C 78 -13.61 17.87 -1.14
CA MET C 78 -13.29 16.52 -1.68
C MET C 78 -11.83 16.17 -1.36
N ALA C 79 -10.92 17.11 -1.62
CA ALA C 79 -9.49 16.82 -1.39
C ALA C 79 -9.19 16.70 0.09
N LYS C 80 -9.87 17.48 0.94
CA LYS C 80 -9.58 17.34 2.38
C LYS C 80 -10.01 15.92 2.91
N CYS C 81 -11.13 15.44 2.42
CA CYS C 81 -11.65 14.16 2.88
C CYS C 81 -10.87 13.01 2.36
N ILE C 82 -10.42 13.13 1.14
CA ILE C 82 -9.47 12.14 0.59
C ILE C 82 -8.15 12.13 1.35
N ASP C 83 -7.61 13.32 1.65
CA ASP C 83 -6.37 13.40 2.48
C ASP C 83 -6.59 12.80 3.87
N LEU C 84 -7.73 13.12 4.49
CA LEU C 84 -8.11 12.50 5.82
C LEU C 84 -7.97 10.95 5.78
N VAL C 85 -8.59 10.34 4.78
CA VAL C 85 -8.61 8.85 4.59
CA VAL C 85 -8.56 8.86 4.76
C VAL C 85 -7.19 8.33 4.44
N HIS C 86 -6.32 9.11 3.78
CA HIS C 86 -4.93 8.62 3.61
C HIS C 86 -4.02 9.02 4.74
N SER C 87 -4.53 9.65 5.78
CA SER C 87 -3.61 10.37 6.74
C SER C 87 -2.96 9.46 7.77
N GLN C 88 -1.77 9.87 8.22
CA GLN C 88 -1.14 9.15 9.31
C GLN C 88 -2.01 9.30 10.56
N GLU C 89 -2.67 10.43 10.70
CA GLU C 89 -3.54 10.67 11.84
C GLU C 89 -4.67 9.66 11.97
N LEU C 90 -5.31 9.35 10.83
CA LEU C 90 -6.38 8.36 10.87
C LEU C 90 -5.81 6.97 11.18
N GLN C 91 -4.64 6.64 10.61
CA GLN C 91 -4.00 5.36 10.88
C GLN C 91 -3.69 5.25 12.38
N ALA C 92 -3.27 6.34 13.02
CA ALA C 92 -2.97 6.31 14.49
C ALA C 92 -4.23 6.00 15.30
N ILE C 93 -5.38 6.52 14.85
CA ILE C 93 -6.64 6.23 15.56
C ILE C 93 -6.95 4.77 15.39
N ILE C 94 -6.78 4.24 14.19
CA ILE C 94 -7.02 2.84 13.92
C ILE C 94 -6.17 1.94 14.82
N LYS C 95 -4.91 2.33 15.03
CA LYS C 95 -4.01 1.50 15.85
C LYS C 95 -4.35 1.67 17.33
N LYS C 96 -4.59 2.91 17.74
CA LYS C 96 -4.91 3.22 19.10
C LYS C 96 -6.10 2.40 19.61
N TYR C 97 -7.13 2.22 18.78
CA TYR C 97 -8.39 1.65 19.29
C TYR C 97 -8.57 0.21 18.85
N GLN C 98 -7.61 -0.37 18.13
CA GLN C 98 -7.83 -1.71 17.66
C GLN C 98 -7.96 -2.67 18.86
N GLY C 99 -9.00 -3.50 18.84
CA GLY C 99 -9.29 -4.47 19.92
C GLY C 99 -9.75 -3.89 21.26
N LYS C 100 -10.10 -2.60 21.30
CA LYS C 100 -10.72 -2.00 22.51
C LYS C 100 -12.25 -1.94 22.50
N ASP C 101 -12.88 -2.17 23.64
CA ASP C 101 -14.33 -1.95 23.82
C ASP C 101 -14.65 -0.53 24.23
N ASP C 102 -15.95 -0.17 24.16
CA ASP C 102 -16.56 1.13 24.65
C ASP C 102 -17.23 2.14 23.67
N THR D 6 0.95 13.47 -0.52
CA THR D 6 1.49 12.99 -1.85
C THR D 6 1.00 11.58 -2.21
N TYR D 7 0.84 11.37 -3.52
CA TYR D 7 0.11 10.19 -4.04
C TYR D 7 0.85 9.59 -5.19
N THR D 8 0.75 8.29 -5.32
CA THR D 8 1.32 7.63 -6.48
C THR D 8 0.30 7.76 -7.67
N PRO D 9 0.68 7.29 -8.87
CA PRO D 9 -0.29 7.48 -9.96
C PRO D 9 -1.53 6.59 -9.73
N GLU D 10 -1.29 5.37 -9.23
CA GLU D 10 -2.36 4.46 -8.79
C GLU D 10 -3.35 5.17 -7.85
N GLU D 11 -2.81 5.75 -6.77
CA GLU D 11 -3.63 6.49 -5.85
C GLU D 11 -4.38 7.67 -6.45
N TYR D 12 -3.74 8.43 -7.32
CA TYR D 12 -4.42 9.54 -7.96
C TYR D 12 -5.61 9.02 -8.81
N LEU D 13 -5.38 7.88 -9.45
CA LEU D 13 -6.45 7.32 -10.35
C LEU D 13 -7.61 6.90 -9.46
N LYS D 14 -7.36 6.35 -8.28
CA LYS D 14 -8.48 6.07 -7.34
C LYS D 14 -9.16 7.34 -6.82
N ASN D 15 -8.35 8.34 -6.54
CA ASN D 15 -8.85 9.61 -6.05
C ASN D 15 -9.72 10.24 -7.12
N TYR D 16 -9.25 10.12 -8.37
CA TYR D 16 -10.04 10.56 -9.53
C TYR D 16 -11.41 9.82 -9.60
N ALA D 17 -11.36 8.50 -9.44
CA ALA D 17 -12.59 7.66 -9.46
C ALA D 17 -13.58 8.15 -8.39
N LEU D 18 -13.13 8.28 -7.17
CA LEU D 18 -14.01 8.74 -6.10
C LEU D 18 -14.64 10.13 -6.39
N SER D 19 -13.81 11.09 -6.83
CA SER D 19 -14.25 12.44 -7.09
C SER D 19 -15.23 12.48 -8.27
N VAL D 20 -14.93 11.75 -9.36
CA VAL D 20 -15.89 11.67 -10.49
C VAL D 20 -17.19 11.05 -10.06
N CYS D 21 -17.09 10.02 -9.25
CA CYS D 21 -18.28 9.35 -8.82
C CYS D 21 -19.20 10.26 -7.99
N ILE D 22 -18.57 10.98 -7.08
CA ILE D 22 -19.33 11.97 -6.29
C ILE D 22 -19.89 13.12 -7.13
N ALA D 23 -19.06 13.70 -8.00
CA ALA D 23 -19.54 14.72 -8.97
C ALA D 23 -20.77 14.28 -9.78
N GLU D 24 -20.71 13.04 -10.29
CA GLU D 24 -21.79 12.53 -11.13
C GLU D 24 -22.98 12.12 -10.33
N GLY D 25 -22.76 11.67 -9.11
CA GLY D 25 -23.82 11.06 -8.38
C GLY D 25 -24.76 12.07 -7.72
N TYR D 26 -24.26 13.23 -7.33
CA TYR D 26 -25.10 14.19 -6.66
C TYR D 26 -25.47 15.33 -7.57
N SER D 27 -26.62 15.94 -7.28
CA SER D 27 -27.17 17.05 -8.03
C SER D 27 -26.71 18.44 -7.57
N ALA D 28 -26.53 18.63 -6.26
CA ALA D 28 -26.19 19.96 -5.76
C ALA D 28 -24.93 20.60 -6.43
N LYS D 29 -25.07 21.82 -6.96
CA LYS D 29 -24.00 22.45 -7.69
C LYS D 29 -22.76 22.61 -6.82
N GLU D 30 -22.95 22.89 -5.52
CA GLU D 30 -21.84 23.01 -4.55
C GLU D 30 -20.86 21.78 -4.64
N VAL D 31 -21.47 20.60 -4.59
CA VAL D 31 -20.76 19.29 -4.54
C VAL D 31 -20.25 18.94 -5.89
N LYS D 32 -21.05 19.14 -6.96
CA LYS D 32 -20.59 18.79 -8.32
C LYS D 32 -19.42 19.58 -8.69
N ASN D 33 -19.52 20.90 -8.46
CA ASN D 33 -18.44 21.77 -8.74
C ASN D 33 -17.19 21.45 -7.94
N ASP D 34 -17.35 21.15 -6.64
CA ASP D 34 -16.12 20.96 -5.83
C ASP D 34 -15.48 19.63 -6.23
N ALA D 35 -16.33 18.62 -6.26
CA ALA D 35 -15.88 17.25 -6.70
C ALA D 35 -15.31 17.24 -8.12
N ALA D 36 -15.95 17.89 -9.11
CA ALA D 36 -15.37 17.97 -10.44
C ALA D 36 -14.07 18.71 -10.46
N ALA D 37 -13.87 19.76 -9.62
CA ALA D 37 -12.58 20.46 -9.61
C ALA D 37 -11.48 19.52 -9.04
N ALA D 38 -11.83 18.78 -7.99
CA ALA D 38 -10.87 17.83 -7.40
C ALA D 38 -10.53 16.75 -8.47
N ALA D 39 -11.53 16.24 -9.17
CA ALA D 39 -11.26 15.25 -10.24
C ALA D 39 -10.27 15.81 -11.28
N ARG D 40 -10.43 17.10 -11.72
CA ARG D 40 -9.51 17.67 -12.71
CA ARG D 40 -9.51 17.71 -12.69
CA ARG D 40 -9.51 17.70 -12.70
C ARG D 40 -8.13 17.74 -12.10
N GLY D 41 -8.04 18.06 -10.83
CA GLY D 41 -6.79 18.09 -10.15
C GLY D 41 -6.14 16.71 -9.96
N TYR D 42 -6.91 15.62 -9.82
CA TYR D 42 -6.32 14.31 -9.75
C TYR D 42 -6.05 13.75 -11.17
N THR D 43 -6.49 14.48 -12.20
CA THR D 43 -6.37 13.99 -13.58
C THR D 43 -4.98 14.30 -14.04
N GLU D 44 -4.19 13.24 -14.23
CA GLU D 44 -2.85 13.34 -14.77
C GLU D 44 -2.71 12.19 -15.77
N PHE D 45 -1.90 12.38 -16.82
CA PHE D 45 -1.83 11.41 -17.89
C PHE D 45 -0.47 10.73 -18.02
N GLY D 46 0.44 10.92 -17.06
CA GLY D 46 1.77 10.32 -17.10
C GLY D 46 1.76 8.80 -16.97
N ASP D 47 0.74 8.27 -16.30
CA ASP D 47 0.69 6.85 -16.01
C ASP D 47 -0.58 6.25 -16.59
N TYR D 48 -1.64 7.07 -16.63
CA TYR D 48 -2.93 6.64 -17.13
C TYR D 48 -3.43 7.53 -18.26
N SER D 49 -3.72 6.92 -19.40
CA SER D 49 -4.10 7.64 -20.58
C SER D 49 -5.50 8.24 -20.42
N LEU D 50 -5.88 9.04 -21.41
CA LEU D 50 -7.29 9.34 -21.64
C LEU D 50 -8.22 8.11 -21.55
N GLU D 51 -7.95 7.03 -22.28
CA GLU D 51 -8.86 5.91 -22.30
C GLU D 51 -9.06 5.31 -20.84
N ALA D 52 -7.98 5.33 -20.07
CA ALA D 52 -8.03 4.77 -18.70
C ALA D 52 -8.96 5.65 -17.88
N HIS D 53 -8.91 6.97 -18.09
CA HIS D 53 -9.77 7.85 -17.30
C HIS D 53 -11.16 7.68 -17.77
N THR D 54 -11.34 7.51 -19.09
CA THR D 54 -12.71 7.28 -19.50
C THR D 54 -13.25 5.94 -19.01
N ALA D 55 -12.41 4.89 -18.93
CA ALA D 55 -12.83 3.60 -18.34
C ALA D 55 -13.27 3.79 -16.87
N VAL D 56 -12.54 4.60 -16.14
CA VAL D 56 -12.93 4.90 -14.72
C VAL D 56 -14.28 5.58 -14.66
N ARG D 57 -14.49 6.58 -15.51
CA ARG D 57 -15.77 7.27 -15.48
C ARG D 57 -16.90 6.33 -15.82
N ALA D 58 -16.65 5.46 -16.77
CA ALA D 58 -17.68 4.53 -17.21
C ALA D 58 -18.02 3.59 -16.03
N LEU D 59 -17.00 3.11 -15.29
CA LEU D 59 -17.19 2.19 -14.21
C LEU D 59 -18.00 2.97 -13.07
N ALA D 60 -17.66 4.24 -12.87
CA ALA D 60 -18.31 5.06 -11.84
C ALA D 60 -19.81 5.18 -12.13
N LYS D 61 -20.14 5.36 -13.39
CA LYS D 61 -21.56 5.43 -13.75
C LYS D 61 -22.22 4.09 -13.54
N GLU D 62 -21.52 2.97 -13.77
CA GLU D 62 -22.12 1.65 -13.54
C GLU D 62 -22.44 1.45 -12.09
N PHE D 63 -21.52 1.82 -11.20
CA PHE D 63 -21.81 1.71 -9.78
C PHE D 63 -22.94 2.65 -9.37
N LEU D 64 -22.99 3.86 -9.92
CA LEU D 64 -24.07 4.79 -9.61
C LEU D 64 -25.44 4.25 -10.08
N ALA D 65 -25.44 3.51 -11.20
CA ALA D 65 -26.67 2.85 -11.72
C ALA D 65 -27.23 1.70 -10.86
N LYS D 66 -26.41 1.08 -9.99
CA LYS D 66 -26.87 0.03 -9.09
C LYS D 66 -27.85 0.52 -8.01
N PRO D 67 -28.94 -0.23 -7.83
CA PRO D 67 -29.96 0.08 -6.82
C PRO D 67 -29.44 -0.35 -5.45
N TYR D 68 -29.26 0.56 -4.50
CA TYR D 68 -28.80 0.08 -3.20
C TYR D 68 -29.97 0.17 -2.22
N ASP D 69 -30.17 -0.88 -1.42
CA ASP D 69 -31.26 -0.97 -0.42
CA ASP D 69 -31.31 -0.84 -0.49
C ASP D 69 -30.92 -0.16 0.82
N SER D 70 -31.74 0.80 1.24
CA SER D 70 -31.55 1.42 2.57
C SER D 70 -32.79 1.54 3.46
N MET D 71 -32.63 1.32 4.76
CA MET D 71 -33.66 1.58 5.75
C MET D 71 -34.06 3.05 5.65
N SER D 72 -33.08 3.90 5.38
CA SER D 72 -33.18 5.35 5.51
C SER D 72 -33.89 6.06 4.38
N GLY D 73 -34.16 5.38 3.26
CA GLY D 73 -34.70 6.09 2.11
C GLY D 73 -33.73 6.93 1.31
N GLU D 74 -32.46 6.91 1.67
CA GLU D 74 -31.47 7.64 0.84
C GLU D 74 -31.00 6.67 -0.27
N PRO D 75 -30.58 7.21 -1.42
CA PRO D 75 -30.04 6.43 -2.57
C PRO D 75 -28.71 5.69 -2.28
N MET D 76 -27.97 6.21 -1.29
CA MET D 76 -26.73 5.57 -0.83
C MET D 76 -25.58 5.82 -1.82
N THR D 77 -25.64 6.95 -2.49
CA THR D 77 -24.65 7.41 -3.52
C THR D 77 -23.23 7.31 -2.91
N MET D 78 -23.10 7.78 -1.67
CA MET D 78 -21.78 7.74 -0.99
C MET D 78 -21.28 6.29 -0.90
N ALA D 79 -22.16 5.37 -0.52
CA ALA D 79 -21.75 3.95 -0.45
C ALA D 79 -21.41 3.34 -1.79
N LYS D 80 -22.12 3.78 -2.83
CA LYS D 80 -21.79 3.30 -4.21
C LYS D 80 -20.36 3.73 -4.61
N CYS D 81 -20.01 4.96 -4.25
CA CYS D 81 -18.72 5.49 -4.67
C CYS D 81 -17.59 4.88 -3.83
N ILE D 82 -17.90 4.53 -2.59
CA ILE D 82 -16.92 3.76 -1.83
C ILE D 82 -16.67 2.36 -2.37
N ASP D 83 -17.75 1.63 -2.70
CA ASP D 83 -17.64 0.33 -3.33
C ASP D 83 -16.89 0.40 -4.65
N LEU D 84 -17.10 1.47 -5.43
CA LEU D 84 -16.32 1.69 -6.70
C LEU D 84 -14.81 1.64 -6.43
N VAL D 85 -14.41 2.43 -5.43
CA VAL D 85 -12.95 2.58 -5.12
C VAL D 85 -12.36 1.30 -4.65
N HIS D 86 -13.17 0.44 -4.03
CA HIS D 86 -12.69 -0.92 -3.58
C HIS D 86 -12.97 -2.08 -4.53
N SER D 87 -13.42 -1.78 -5.74
CA SER D 87 -13.85 -2.84 -6.68
C SER D 87 -12.71 -3.53 -7.39
N GLN D 88 -12.98 -4.78 -7.76
CA GLN D 88 -12.01 -5.51 -8.55
C GLN D 88 -11.96 -4.87 -9.93
N GLU D 89 -13.09 -4.28 -10.40
CA GLU D 89 -13.07 -3.73 -11.73
C GLU D 89 -12.15 -2.51 -11.78
N LEU D 90 -12.14 -1.68 -10.72
CA LEU D 90 -11.17 -0.56 -10.67
C LEU D 90 -9.71 -1.09 -10.63
N GLN D 91 -9.48 -2.11 -9.81
CA GLN D 91 -8.12 -2.68 -9.67
C GLN D 91 -7.65 -3.18 -11.04
N ALA D 92 -8.59 -3.66 -11.86
CA ALA D 92 -8.22 -4.21 -13.21
C ALA D 92 -7.78 -3.03 -14.09
N ILE D 93 -8.48 -1.91 -14.01
CA ILE D 93 -8.06 -0.73 -14.76
C ILE D 93 -6.66 -0.30 -14.35
N ILE D 94 -6.44 -0.19 -13.04
CA ILE D 94 -5.14 0.25 -12.52
C ILE D 94 -4.03 -0.67 -13.03
N LYS D 95 -4.29 -1.96 -12.99
CA LYS D 95 -3.28 -2.96 -13.41
C LYS D 95 -3.09 -2.94 -14.90
N LYS D 96 -4.18 -3.04 -15.66
CA LYS D 96 -4.10 -3.21 -17.10
C LYS D 96 -3.62 -1.94 -17.83
N TYR D 97 -3.99 -0.75 -17.33
CA TYR D 97 -3.72 0.46 -18.13
C TYR D 97 -2.40 1.10 -17.72
N GLN D 98 -1.80 0.66 -16.65
CA GLN D 98 -0.71 1.44 -16.09
C GLN D 98 0.47 1.55 -17.07
N GLY D 99 0.99 2.76 -17.25
CA GLY D 99 2.06 3.02 -18.23
C GLY D 99 1.76 2.71 -19.69
N LYS D 100 0.51 2.38 -20.06
CA LYS D 100 0.16 1.98 -21.46
C LYS D 100 -0.47 3.07 -22.34
N ASP D 101 -0.14 3.02 -23.64
CA ASP D 101 -0.72 3.90 -24.67
C ASP D 101 -2.18 3.63 -24.94
#